data_2YKQ
#
_entry.id   2YKQ
#
_cell.length_a   71.440
_cell.length_b   91.640
_cell.length_c   107.740
_cell.angle_alpha   90.00
_cell.angle_beta   90.00
_cell.angle_gamma   90.00
#
_symmetry.space_group_name_H-M   'P 21 21 21'
#
loop_
_entity.id
_entity.type
_entity.pdbx_description
1 polymer 'LINE-1 ORF1P'
2 non-polymer 'CHLORIDE ION'
#
_entity_poly.entity_id   1
_entity_poly.type   'polypeptide(L)'
_entity_poly.pdbx_seq_one_letter_code
;(MSE)ASLRSRCDQLEERVSAAEDEINEIKREGKFREKRIKRNEQSLQEIWDYVKRPNLRLIGVPESDVENGTKLENTLQ
DIIQENFPNLARQANVQIQEIQRTPQRYSSRRATPRHIIVRFTKVE(MSE)KEK(MSE)LRAAREKGRVTLKGKPIRLTV
DLSAETLQARREWGPIFNILKEKNFQPRISYPAKLSFISEGEIKYFIDKQ(MSE)LRDFVTTRPALKELLKEALN(MSE)
ERNHHHHHH
;
_entity_poly.pdbx_strand_id   A,B,C
#
# COMPACT_ATOMS: atom_id res chain seq x y z
N ASP A 9 -0.33 48.76 23.84
CA ASP A 9 0.10 47.89 24.93
C ASP A 9 -0.43 46.48 24.74
N GLN A 10 -1.54 46.18 25.42
CA GLN A 10 -2.17 44.87 25.36
C GLN A 10 -2.38 44.40 23.92
N LEU A 11 -2.65 45.35 23.03
CA LEU A 11 -2.95 45.03 21.65
C LEU A 11 -1.70 44.66 20.85
N GLU A 12 -0.66 45.49 20.96
CA GLU A 12 0.56 45.27 20.21
C GLU A 12 1.16 43.89 20.49
N GLU A 13 1.23 43.51 21.77
CA GLU A 13 1.79 42.22 22.15
C GLU A 13 0.94 41.07 21.62
N ARG A 14 -0.37 41.27 21.58
CA ARG A 14 -1.28 40.26 21.02
C ARG A 14 -0.96 39.99 19.55
N VAL A 15 -0.57 41.04 18.83
CA VAL A 15 -0.24 40.92 17.42
C VAL A 15 1.02 40.09 17.20
N SER A 16 2.09 40.45 17.91
CA SER A 16 3.37 39.75 17.78
C SER A 16 3.21 38.26 18.02
N ALA A 17 2.57 37.91 19.13
CA ALA A 17 2.34 36.51 19.47
C ALA A 17 1.64 35.78 18.32
N ALA A 18 0.62 36.41 17.75
CA ALA A 18 -0.11 35.85 16.64
C ALA A 18 0.81 35.58 15.44
N GLU A 19 1.67 36.54 15.13
CA GLU A 19 2.61 36.40 14.02
C GLU A 19 3.56 35.22 14.22
N ASP A 20 4.02 35.04 15.45
CA ASP A 20 4.88 33.91 15.77
C ASP A 20 4.11 32.61 15.62
N GLU A 21 2.87 32.62 16.09
CA GLU A 21 2.00 31.46 15.97
C GLU A 21 1.78 31.11 14.51
N ILE A 22 1.39 32.10 13.72
CA ILE A 22 1.13 31.88 12.31
C ILE A 22 2.34 31.27 11.60
N ASN A 23 3.53 31.82 11.86
CA ASN A 23 4.75 31.26 11.29
C ASN A 23 4.97 29.81 11.73
N GLU A 24 4.82 29.57 13.02
CA GLU A 24 4.93 28.22 13.57
C GLU A 24 4.00 27.26 12.85
N ILE A 25 2.76 27.72 12.60
CA ILE A 25 1.79 26.93 11.88
C ILE A 25 2.26 26.68 10.46
N LYS A 26 2.84 27.70 9.84
CA LYS A 26 3.40 27.58 8.50
C LYS A 26 4.48 26.51 8.47
N ARG A 27 5.31 26.47 9.50
CA ARG A 27 6.39 25.49 9.58
C ARG A 27 5.84 24.08 9.74
N GLU A 28 5.05 23.87 10.79
CA GLU A 28 4.40 22.59 11.02
C GLU A 28 3.65 22.14 9.77
N GLY A 29 3.15 23.13 9.02
CA GLY A 29 2.44 22.86 7.79
C GLY A 29 3.35 22.32 6.71
N LYS A 30 4.59 22.79 6.71
CA LYS A 30 5.59 22.30 5.76
C LYS A 30 5.93 20.84 6.05
N PHE A 31 6.29 20.55 7.30
CA PHE A 31 6.67 19.19 7.68
C PHE A 31 5.52 18.20 7.50
N ARG A 32 4.30 18.72 7.49
CA ARG A 32 3.14 17.88 7.24
C ARG A 32 3.05 17.58 5.74
N GLU A 33 3.26 18.61 4.93
CA GLU A 33 3.27 18.47 3.48
C GLU A 33 4.24 17.38 3.07
N LYS A 34 5.44 17.44 3.63
CA LYS A 34 6.48 16.47 3.32
C LYS A 34 6.01 15.04 3.59
N ARG A 35 5.43 14.81 4.76
CA ARG A 35 5.00 13.47 5.16
C ARG A 35 3.88 12.94 4.27
N ILE A 36 2.95 13.82 3.90
CA ILE A 36 1.90 13.45 2.97
C ILE A 36 2.51 13.02 1.64
N LYS A 37 3.41 13.85 1.14
CA LYS A 37 4.07 13.62 -0.14
C LYS A 37 4.80 12.28 -0.13
N ARG A 38 5.45 11.97 0.98
CA ARG A 38 6.19 10.72 1.12
C ARG A 38 5.25 9.52 1.07
N ASN A 39 4.05 9.69 1.60
CA ASN A 39 3.05 8.63 1.56
C ASN A 39 2.53 8.42 0.15
N GLU A 40 2.41 9.51 -0.60
CA GLU A 40 1.93 9.46 -1.97
C GLU A 40 2.87 8.61 -2.82
N GLN A 41 4.17 8.90 -2.72
CA GLN A 41 5.17 8.16 -3.47
C GLN A 41 5.27 6.72 -2.98
N SER A 42 5.14 6.54 -1.67
CA SER A 42 5.17 5.20 -1.08
C SER A 42 4.04 4.33 -1.63
N LEU A 43 2.88 4.95 -1.88
CA LEU A 43 1.75 4.27 -2.47
C LEU A 43 2.03 3.93 -3.92
N GLN A 44 2.62 4.89 -4.62
CA GLN A 44 2.94 4.71 -6.03
C GLN A 44 3.82 3.48 -6.22
N GLU A 45 4.92 3.42 -5.47
CA GLU A 45 5.87 2.32 -5.59
C GLU A 45 5.23 0.97 -5.28
N ILE A 46 4.55 0.89 -4.15
CA ILE A 46 3.93 -0.37 -3.73
C ILE A 46 2.85 -0.81 -4.71
N TRP A 47 2.12 0.15 -5.26
CA TRP A 47 1.11 -0.16 -6.27
C TRP A 47 1.78 -0.84 -7.45
N ASP A 48 2.87 -0.26 -7.92
CA ASP A 48 3.62 -0.82 -9.05
C ASP A 48 4.15 -2.20 -8.69
N TYR A 49 4.76 -2.31 -7.52
CA TYR A 49 5.34 -3.56 -7.06
C TYR A 49 4.29 -4.68 -7.02
N VAL A 50 3.11 -4.34 -6.52
CA VAL A 50 2.02 -5.32 -6.42
C VAL A 50 1.49 -5.69 -7.81
N LYS A 51 1.62 -4.78 -8.75
CA LYS A 51 1.14 -5.02 -10.12
C LYS A 51 2.22 -5.63 -11.01
N ARG A 52 3.30 -6.10 -10.41
CA ARG A 52 4.40 -6.68 -11.16
C ARG A 52 4.01 -7.95 -11.90
N PRO A 53 3.23 -8.83 -11.25
CA PRO A 53 2.82 -10.06 -11.94
C PRO A 53 1.67 -9.82 -12.91
N ASN A 54 1.39 -8.55 -13.22
CA ASN A 54 0.21 -8.22 -14.03
C ASN A 54 0.52 -7.77 -15.45
N LEU A 55 -0.28 -8.26 -16.39
CA LEU A 55 -0.20 -7.82 -17.79
C LEU A 55 -1.51 -7.20 -18.25
N ARG A 56 -1.42 -6.21 -19.14
CA ARG A 56 -2.60 -5.58 -19.70
C ARG A 56 -2.78 -5.97 -21.17
N LEU A 57 -3.87 -6.67 -21.47
CA LEU A 57 -4.21 -6.99 -22.84
C LEU A 57 -5.12 -5.90 -23.40
N ILE A 58 -4.68 -5.29 -24.49
CA ILE A 58 -5.41 -4.16 -25.06
C ILE A 58 -5.95 -4.46 -26.46
N GLY A 59 -7.21 -4.11 -26.68
CA GLY A 59 -7.83 -4.27 -27.98
C GLY A 59 -8.50 -5.61 -28.16
N VAL A 60 -8.76 -6.30 -27.07
CA VAL A 60 -9.43 -7.59 -27.13
C VAL A 60 -10.95 -7.41 -27.15
N PRO A 61 -11.59 -7.83 -28.24
CA PRO A 61 -13.04 -7.68 -28.43
C PRO A 61 -13.84 -8.17 -27.23
N GLU A 62 -14.87 -7.41 -26.86
CA GLU A 62 -15.74 -7.78 -25.75
C GLU A 62 -16.61 -8.97 -26.13
N SER A 63 -17.16 -9.65 -25.13
CA SER A 63 -18.00 -10.81 -25.37
C SER A 63 -19.19 -10.84 -24.42
N ASP A 64 -20.22 -11.60 -24.79
CA ASP A 64 -21.42 -11.72 -23.96
C ASP A 64 -21.18 -12.69 -22.81
N VAL A 65 -21.51 -12.25 -21.60
CA VAL A 65 -21.30 -13.05 -20.40
C VAL A 65 -19.86 -13.56 -20.36
N GLU A 66 -18.92 -12.62 -20.25
CA GLU A 66 -17.50 -12.94 -20.30
C GLU A 66 -16.96 -13.24 -18.91
N ASN A 67 -17.05 -14.50 -18.51
CA ASN A 67 -16.55 -14.91 -17.19
C ASN A 67 -15.07 -15.31 -17.24
N GLY A 68 -14.56 -15.75 -16.09
CA GLY A 68 -13.15 -16.10 -15.98
C GLY A 68 -12.73 -17.20 -16.93
N THR A 69 -13.59 -18.20 -17.11
CA THR A 69 -13.28 -19.35 -17.95
C THR A 69 -13.07 -18.95 -19.41
N LYS A 70 -13.96 -18.09 -19.91
CA LYS A 70 -13.85 -17.63 -21.29
C LYS A 70 -12.57 -16.84 -21.48
N LEU A 71 -12.27 -15.95 -20.54
CA LEU A 71 -11.05 -15.16 -20.57
C LEU A 71 -9.83 -16.07 -20.68
N GLU A 72 -9.71 -17.02 -19.76
CA GLU A 72 -8.59 -17.95 -19.78
C GLU A 72 -8.46 -18.62 -21.15
N ASN A 73 -9.57 -19.11 -21.68
CA ASN A 73 -9.58 -19.70 -23.01
C ASN A 73 -9.03 -18.73 -24.04
N THR A 74 -9.38 -17.46 -23.87
CA THR A 74 -8.94 -16.41 -24.79
C THR A 74 -7.43 -16.23 -24.73
N LEU A 75 -6.89 -16.14 -23.52
CA LEU A 75 -5.46 -16.02 -23.33
C LEU A 75 -4.74 -17.18 -24.00
N GLN A 76 -5.32 -18.37 -23.86
CA GLN A 76 -4.79 -19.56 -24.52
C GLN A 76 -4.68 -19.35 -26.02
N ASP A 77 -5.78 -18.88 -26.62
CA ASP A 77 -5.82 -18.61 -28.05
C ASP A 77 -4.72 -17.65 -28.46
N ILE A 78 -4.59 -16.57 -27.70
CA ILE A 78 -3.57 -15.55 -27.96
C ILE A 78 -2.18 -16.19 -27.96
N ILE A 79 -1.99 -17.16 -27.07
CA ILE A 79 -0.71 -17.83 -26.95
C ILE A 79 -0.48 -18.81 -28.10
N GLN A 80 -1.54 -19.49 -28.51
CA GLN A 80 -1.45 -20.45 -29.61
C GLN A 80 -1.18 -19.76 -30.95
N GLU A 81 -1.72 -18.56 -31.12
CA GLU A 81 -1.59 -17.83 -32.37
C GLU A 81 -0.28 -17.07 -32.47
N ASN A 82 0.20 -16.55 -31.34
CA ASN A 82 1.40 -15.73 -31.32
C ASN A 82 2.67 -16.47 -30.92
N PHE A 83 2.69 -16.99 -29.70
CA PHE A 83 3.85 -17.70 -29.19
C PHE A 83 3.45 -18.95 -28.40
N PRO A 84 3.09 -20.02 -29.12
CA PRO A 84 2.64 -21.28 -28.52
C PRO A 84 3.78 -21.95 -27.75
N ASN A 85 4.98 -21.39 -27.89
CA ASN A 85 6.14 -21.89 -27.18
C ASN A 85 5.83 -22.17 -25.72
N LEU A 86 5.07 -21.27 -25.12
CA LEU A 86 4.68 -21.38 -23.72
C LEU A 86 3.64 -22.50 -23.54
N ALA A 87 3.67 -23.15 -22.37
CA ALA A 87 2.81 -24.29 -22.09
C ALA A 87 3.29 -25.55 -22.79
N ASN A 91 -0.55 -25.41 -19.93
CA ASN A 91 -1.46 -24.43 -19.33
C ASN A 91 -0.75 -23.52 -18.34
N VAL A 92 -0.72 -22.23 -18.67
CA VAL A 92 -0.02 -21.27 -17.85
C VAL A 92 -0.86 -20.95 -16.61
N GLN A 93 -0.18 -20.77 -15.48
CA GLN A 93 -0.85 -20.57 -14.21
C GLN A 93 -1.37 -19.14 -14.10
N ILE A 94 -2.69 -19.01 -13.98
CA ILE A 94 -3.33 -17.70 -13.87
C ILE A 94 -4.04 -17.58 -12.54
N GLN A 95 -3.58 -16.66 -11.69
CA GLN A 95 -4.24 -16.44 -10.42
C GLN A 95 -5.63 -15.86 -10.60
N GLU A 96 -5.74 -14.93 -11.55
CA GLU A 96 -7.02 -14.27 -11.83
C GLU A 96 -6.93 -13.47 -13.12
N ILE A 97 -8.06 -13.34 -13.81
CA ILE A 97 -8.12 -12.56 -15.03
C ILE A 97 -9.49 -11.87 -15.13
N GLN A 98 -9.47 -10.59 -15.49
CA GLN A 98 -10.70 -9.79 -15.46
C GLN A 98 -10.62 -8.56 -16.37
N ARG A 99 -11.79 -8.00 -16.67
CA ARG A 99 -11.88 -6.73 -17.38
C ARG A 99 -11.98 -5.59 -16.37
N THR A 100 -11.53 -4.40 -16.75
CA THR A 100 -11.62 -3.24 -15.87
C THR A 100 -12.86 -2.41 -16.14
N THR A 110 -14.58 1.46 -27.46
CA THR A 110 -13.29 0.99 -26.97
C THR A 110 -13.46 -0.11 -25.91
N PRO A 111 -12.93 -1.30 -26.19
CA PRO A 111 -13.03 -2.42 -25.25
C PRO A 111 -12.30 -2.11 -23.95
N ARG A 112 -12.71 -2.76 -22.87
CA ARG A 112 -12.03 -2.59 -21.59
C ARG A 112 -10.77 -3.45 -21.55
N HIS A 113 -9.69 -2.89 -21.01
CA HIS A 113 -8.44 -3.64 -20.90
C HIS A 113 -8.64 -4.90 -20.09
N ILE A 114 -7.85 -5.92 -20.38
CA ILE A 114 -7.86 -7.15 -19.61
C ILE A 114 -6.60 -7.24 -18.76
N ILE A 115 -6.79 -7.41 -17.45
CA ILE A 115 -5.66 -7.56 -16.54
C ILE A 115 -5.43 -9.04 -16.27
N VAL A 116 -4.17 -9.47 -16.34
CA VAL A 116 -3.83 -10.86 -16.09
C VAL A 116 -2.80 -10.97 -14.99
N ARG A 117 -3.17 -11.63 -13.90
CA ARG A 117 -2.24 -11.85 -12.80
C ARG A 117 -1.70 -13.27 -12.82
N PHE A 118 -0.45 -13.41 -13.24
CA PHE A 118 0.20 -14.71 -13.32
C PHE A 118 0.63 -15.20 -11.94
N THR A 119 0.60 -16.51 -11.76
CA THR A 119 1.03 -17.12 -10.51
C THR A 119 2.49 -16.80 -10.23
N LYS A 120 3.30 -16.79 -11.28
CA LYS A 120 4.73 -16.49 -11.16
C LYS A 120 5.11 -15.30 -12.03
N VAL A 121 5.77 -14.32 -11.45
CA VAL A 121 6.19 -13.12 -12.17
C VAL A 121 6.97 -13.50 -13.42
N GLU A 122 7.83 -14.50 -13.28
CA GLU A 122 8.65 -14.98 -14.38
C GLU A 122 7.80 -15.19 -15.63
N LYS A 124 5.03 -13.69 -16.64
CA LYS A 124 4.70 -12.42 -17.27
C LYS A 124 5.88 -11.92 -18.10
N GLU A 125 7.01 -11.75 -17.43
CA GLU A 125 8.22 -11.25 -18.07
C GLU A 125 8.54 -12.01 -19.35
N LYS A 126 8.32 -13.32 -19.31
CA LYS A 126 8.58 -14.16 -20.48
C LYS A 126 7.60 -13.85 -21.61
N LEU A 128 5.89 -10.90 -22.05
CA LEU A 128 6.24 -9.58 -22.52
C LEU A 128 7.42 -9.68 -23.48
N ARG A 129 8.46 -10.37 -23.03
CA ARG A 129 9.66 -10.58 -23.84
C ARG A 129 9.30 -11.18 -25.19
N ALA A 130 8.41 -12.17 -25.17
CA ALA A 130 7.95 -12.82 -26.38
C ALA A 130 7.24 -11.82 -27.30
N ALA A 131 6.53 -10.89 -26.70
CA ALA A 131 5.77 -9.90 -27.45
C ALA A 131 6.65 -8.82 -28.09
N ARG A 132 7.58 -8.29 -27.31
CA ARG A 132 8.43 -7.20 -27.79
C ARG A 132 9.41 -7.69 -28.86
N GLU A 133 9.74 -8.97 -28.81
CA GLU A 133 10.60 -9.57 -29.82
C GLU A 133 9.81 -9.82 -31.09
N LYS A 134 8.54 -10.20 -30.92
CA LYS A 134 7.66 -10.46 -32.06
C LYS A 134 7.27 -9.16 -32.75
N GLY A 135 6.94 -8.16 -31.94
CA GLY A 135 6.55 -6.86 -32.46
C GLY A 135 5.04 -6.71 -32.61
N ARG A 136 4.48 -7.43 -33.57
CA ARG A 136 3.05 -7.35 -33.85
C ARG A 136 2.29 -8.54 -33.27
N VAL A 137 1.79 -8.39 -32.05
CA VAL A 137 0.98 -9.42 -31.42
C VAL A 137 -0.46 -9.29 -31.91
N THR A 138 -1.02 -10.37 -32.43
CA THR A 138 -2.35 -10.32 -33.02
C THR A 138 -3.30 -11.36 -32.44
N LEU A 139 -4.59 -11.13 -32.65
CA LEU A 139 -5.64 -12.07 -32.26
C LEU A 139 -6.61 -12.24 -33.41
N LYS A 140 -6.46 -13.32 -34.16
CA LYS A 140 -7.29 -13.57 -35.34
C LYS A 140 -7.10 -12.46 -36.37
N GLY A 141 -5.85 -12.04 -36.54
CA GLY A 141 -5.52 -11.00 -37.50
C GLY A 141 -5.45 -9.61 -36.88
N LYS A 142 -6.40 -9.31 -36.00
CA LYS A 142 -6.46 -7.99 -35.38
C LYS A 142 -5.33 -7.78 -34.38
N PRO A 143 -4.52 -6.73 -34.59
CA PRO A 143 -3.43 -6.39 -33.67
C PRO A 143 -3.94 -6.06 -32.28
N ILE A 144 -3.28 -6.62 -31.26
CA ILE A 144 -3.57 -6.28 -29.88
C ILE A 144 -2.29 -5.72 -29.24
N ARG A 145 -2.38 -5.30 -27.99
CA ARG A 145 -1.23 -4.71 -27.33
C ARG A 145 -1.04 -5.21 -25.89
N LEU A 146 0.06 -5.91 -25.66
CA LEU A 146 0.42 -6.36 -24.31
C LEU A 146 1.31 -5.31 -23.66
N THR A 147 1.04 -5.01 -22.38
CA THR A 147 1.82 -4.01 -21.67
C THR A 147 1.82 -4.26 -20.17
N VAL A 148 2.81 -3.68 -19.49
CA VAL A 148 2.91 -3.79 -18.04
C VAL A 148 1.73 -3.11 -17.37
N ASP A 149 1.53 -3.44 -16.10
CA ASP A 149 0.47 -2.83 -15.31
C ASP A 149 1.08 -1.88 -14.29
N LEU A 150 0.77 -0.60 -14.42
CA LEU A 150 1.33 0.43 -13.55
C LEU A 150 0.27 1.07 -12.65
N SER A 151 0.73 1.83 -11.67
CA SER A 151 -0.16 2.58 -10.81
C SER A 151 -0.71 3.77 -11.58
N ALA A 152 -1.75 4.40 -11.06
CA ALA A 152 -2.29 5.59 -11.68
C ALA A 152 -1.19 6.64 -11.81
N GLU A 153 -0.50 6.89 -10.70
CA GLU A 153 0.57 7.88 -10.67
C GLU A 153 1.59 7.63 -11.76
N THR A 154 2.29 6.50 -11.66
CA THR A 154 3.31 6.14 -12.64
C THR A 154 2.78 6.26 -14.05
N LEU A 155 1.58 5.74 -14.27
CA LEU A 155 0.94 5.79 -15.58
C LEU A 155 0.76 7.23 -16.03
N GLN A 156 0.42 8.11 -15.09
CA GLN A 156 0.21 9.52 -15.38
C GLN A 156 1.52 10.20 -15.73
N ALA A 157 2.57 9.90 -14.96
CA ALA A 157 3.89 10.46 -15.21
C ALA A 157 4.30 10.17 -16.64
N ARG A 158 4.06 8.95 -17.10
CA ARG A 158 4.41 8.55 -18.45
C ARG A 158 3.68 9.39 -19.50
N ARG A 159 2.43 9.74 -19.21
CA ARG A 159 1.62 10.51 -20.14
C ARG A 159 2.17 11.94 -20.29
N GLU A 160 2.69 12.49 -19.21
CA GLU A 160 3.22 13.85 -19.23
C GLU A 160 4.44 13.99 -20.14
N TRP A 161 5.19 12.90 -20.31
CA TRP A 161 6.31 12.92 -21.25
C TRP A 161 5.77 13.03 -22.68
N GLY A 162 4.53 12.56 -22.87
CA GLY A 162 3.89 12.55 -24.18
C GLY A 162 4.32 13.59 -25.20
N PRO A 163 4.07 14.87 -24.90
CA PRO A 163 4.36 15.99 -25.81
C PRO A 163 5.81 15.98 -26.25
N ILE A 164 6.73 15.86 -25.29
CA ILE A 164 8.16 15.85 -25.59
C ILE A 164 8.55 14.61 -26.38
N PHE A 165 8.02 13.46 -25.96
CA PHE A 165 8.30 12.18 -26.62
C PHE A 165 8.03 12.26 -28.12
N ASN A 166 6.95 12.94 -28.48
CA ASN A 166 6.57 13.06 -29.88
C ASN A 166 7.53 13.95 -30.67
N ILE A 167 7.90 15.09 -30.09
CA ILE A 167 8.84 15.99 -30.71
C ILE A 167 10.16 15.27 -30.96
N LEU A 168 10.66 14.62 -29.91
CA LEU A 168 11.89 13.83 -30.03
C LEU A 168 11.76 12.79 -31.13
N LYS A 169 10.64 12.07 -31.13
CA LYS A 169 10.38 11.06 -32.13
C LYS A 169 10.43 11.69 -33.52
N GLU A 170 9.76 12.83 -33.66
CA GLU A 170 9.73 13.58 -34.91
C GLU A 170 11.13 13.84 -35.44
N LYS A 171 12.00 14.34 -34.56
CA LYS A 171 13.34 14.74 -34.96
C LYS A 171 14.36 13.60 -34.86
N ASN A 172 13.87 12.36 -34.93
CA ASN A 172 14.72 11.19 -35.04
C ASN A 172 15.63 10.92 -33.84
N PHE A 173 15.18 11.27 -32.64
CA PHE A 173 15.96 11.04 -31.43
C PHE A 173 15.77 9.64 -30.87
N GLN A 174 14.78 8.92 -31.40
CA GLN A 174 14.49 7.57 -30.93
C GLN A 174 14.29 7.51 -29.42
N PRO A 175 13.27 8.22 -28.91
CA PRO A 175 12.96 8.25 -27.47
C PRO A 175 12.32 6.95 -27.00
N ARG A 176 12.42 6.68 -25.70
CA ARG A 176 11.83 5.49 -25.12
C ARG A 176 11.51 5.72 -23.64
N ILE A 177 10.34 5.24 -23.22
CA ILE A 177 9.93 5.36 -21.82
C ILE A 177 10.04 4.03 -21.11
N SER A 178 10.69 4.03 -19.95
CA SER A 178 10.86 2.83 -19.16
C SER A 178 10.54 3.09 -17.69
N TYR A 179 10.52 2.05 -16.88
CA TYR A 179 10.20 2.18 -15.46
C TYR A 179 11.22 2.98 -14.68
N PRO A 180 10.73 3.85 -13.79
CA PRO A 180 9.29 4.11 -13.58
C PRO A 180 8.70 4.95 -14.70
N ALA A 181 9.19 6.18 -14.84
CA ALA A 181 8.78 7.06 -15.93
C ALA A 181 10.00 7.73 -16.55
N LYS A 182 11.02 6.93 -16.83
CA LYS A 182 12.26 7.44 -17.39
C LYS A 182 12.20 7.63 -18.90
N LEU A 183 12.62 8.82 -19.35
CA LEU A 183 12.74 9.10 -20.76
C LEU A 183 14.18 8.85 -21.19
N SER A 184 14.34 8.24 -22.36
CA SER A 184 15.67 7.96 -22.89
C SER A 184 15.72 8.22 -24.39
N PHE A 185 16.81 8.84 -24.84
CA PHE A 185 17.02 9.10 -26.26
C PHE A 185 18.50 9.28 -26.58
N ILE A 186 18.81 9.34 -27.86
CA ILE A 186 20.20 9.50 -28.30
C ILE A 186 20.55 10.98 -28.45
N SER A 187 21.68 11.38 -27.88
CA SER A 187 22.12 12.77 -27.93
C SER A 187 23.45 12.94 -28.65
N GLU A 188 24.42 12.11 -28.28
CA GLU A 188 25.76 12.19 -28.86
C GLU A 188 26.33 10.79 -29.01
N GLY A 189 25.62 9.94 -29.73
CA GLY A 189 26.02 8.55 -29.87
C GLY A 189 25.90 7.84 -28.55
N GLU A 190 25.29 8.53 -27.58
CA GLU A 190 25.12 8.00 -26.25
C GLU A 190 23.64 8.06 -25.86
N ILE A 191 23.20 7.08 -25.07
CA ILE A 191 21.83 7.07 -24.57
C ILE A 191 21.74 7.84 -23.26
N LYS A 192 20.79 8.76 -23.19
CA LYS A 192 20.62 9.60 -22.00
C LYS A 192 19.30 9.27 -21.30
N TYR A 193 19.34 9.25 -19.97
CA TYR A 193 18.15 8.92 -19.18
C TYR A 193 17.71 10.07 -18.30
N PHE A 194 16.40 10.26 -18.18
CA PHE A 194 15.85 11.37 -17.40
C PHE A 194 14.64 10.93 -16.58
N ILE A 195 14.74 11.11 -15.27
CA ILE A 195 13.68 10.66 -14.37
C ILE A 195 12.52 11.65 -14.33
N ASP A 196 12.81 12.93 -14.55
CA ASP A 196 11.78 13.96 -14.56
C ASP A 196 12.12 15.11 -15.51
N LYS A 197 11.14 15.99 -15.72
CA LYS A 197 11.31 17.11 -16.65
C LYS A 197 12.38 18.09 -16.19
N GLN A 198 12.46 18.31 -14.88
CA GLN A 198 13.46 19.23 -14.34
C GLN A 198 14.87 18.81 -14.73
N LEU A 200 15.71 17.17 -17.11
CA LEU A 200 15.84 17.39 -18.54
C LEU A 200 16.09 18.86 -18.88
N ARG A 201 15.49 19.75 -18.12
CA ARG A 201 15.68 21.18 -18.33
C ARG A 201 17.14 21.55 -18.17
N ASP A 202 17.77 20.94 -17.18
CA ASP A 202 19.18 21.17 -16.90
C ASP A 202 20.04 20.68 -18.06
N PHE A 203 19.70 19.50 -18.59
CA PHE A 203 20.46 18.90 -19.68
C PHE A 203 20.51 19.78 -20.92
N VAL A 204 19.34 20.20 -21.40
CA VAL A 204 19.23 20.96 -22.63
C VAL A 204 19.81 22.38 -22.55
N THR A 205 19.96 22.88 -21.33
CA THR A 205 20.43 24.25 -21.13
C THR A 205 21.84 24.47 -21.71
N THR A 206 22.56 23.37 -21.91
CA THR A 206 23.93 23.44 -22.41
C THR A 206 24.02 22.86 -23.82
N ARG A 207 22.87 22.75 -24.48
CA ARG A 207 22.80 22.20 -25.83
C ARG A 207 21.75 22.92 -26.66
N PRO A 208 22.15 24.03 -27.30
CA PRO A 208 21.27 24.93 -28.06
C PRO A 208 20.36 24.18 -29.03
N ALA A 209 20.87 23.12 -29.64
CA ALA A 209 20.07 22.33 -30.57
C ALA A 209 18.77 21.84 -29.92
N LEU A 210 18.91 21.14 -28.80
CA LEU A 210 17.76 20.62 -28.08
C LEU A 210 16.97 21.74 -27.43
N LYS A 211 17.67 22.72 -26.89
CA LYS A 211 17.04 23.82 -26.17
C LYS A 211 15.97 24.50 -27.02
N GLU A 212 16.35 24.91 -28.23
CA GLU A 212 15.41 25.55 -29.14
C GLU A 212 14.26 24.61 -29.48
N LEU A 213 14.59 23.34 -29.69
CA LEU A 213 13.62 22.34 -30.10
C LEU A 213 12.60 22.01 -29.01
N LEU A 214 13.02 22.15 -27.76
CA LEU A 214 12.18 21.76 -26.63
C LEU A 214 11.87 22.92 -25.67
N LYS A 215 11.96 24.14 -26.18
CA LYS A 215 11.75 25.33 -25.35
C LYS A 215 10.32 25.38 -24.79
N GLU A 216 9.35 25.29 -25.69
CA GLU A 216 7.94 25.41 -25.29
C GLU A 216 7.47 24.22 -24.47
N ALA A 217 7.83 23.02 -24.90
CA ALA A 217 7.39 21.79 -24.25
C ALA A 217 7.82 21.70 -22.80
N LEU A 218 9.08 22.06 -22.54
CA LEU A 218 9.63 22.01 -21.19
C LEU A 218 9.16 23.17 -20.32
N ASN A 219 8.46 24.12 -20.94
CA ASN A 219 7.93 25.26 -20.21
C ASN A 219 9.04 26.08 -19.54
N ASP B 9 -8.04 52.21 16.43
CA ASP B 9 -9.48 51.96 16.51
C ASP B 9 -9.77 50.68 17.26
N GLN B 10 -10.89 50.04 16.94
CA GLN B 10 -11.30 48.81 17.60
C GLN B 10 -10.73 47.57 16.91
N LEU B 11 -9.41 47.46 16.87
CA LEU B 11 -8.75 46.29 16.31
C LEU B 11 -9.01 45.07 17.17
N GLU B 12 -9.33 45.30 18.45
CA GLU B 12 -9.61 44.22 19.38
C GLU B 12 -10.43 43.11 18.73
N GLU B 13 -11.38 43.51 17.88
CA GLU B 13 -12.24 42.56 17.19
C GLU B 13 -11.44 41.69 16.22
N ARG B 14 -10.75 42.35 15.29
CA ARG B 14 -10.02 41.65 14.23
C ARG B 14 -8.92 40.76 14.80
N VAL B 15 -8.18 41.27 15.78
CA VAL B 15 -7.09 40.54 16.41
C VAL B 15 -7.62 39.39 17.27
N SER B 16 -8.84 39.54 17.78
CA SER B 16 -9.46 38.48 18.55
C SER B 16 -9.95 37.37 17.63
N ALA B 17 -10.54 37.75 16.51
CA ALA B 17 -11.00 36.79 15.51
C ALA B 17 -9.82 35.99 14.96
N ALA B 18 -8.68 36.67 14.82
CA ALA B 18 -7.47 36.04 14.34
C ALA B 18 -7.01 34.95 15.30
N GLU B 19 -6.96 35.29 16.58
CA GLU B 19 -6.60 34.32 17.62
C GLU B 19 -7.52 33.11 17.57
N ASP B 20 -8.81 33.36 17.35
CA ASP B 20 -9.80 32.30 17.23
C ASP B 20 -9.44 31.39 16.06
N GLU B 21 -9.22 32.00 14.91
CA GLU B 21 -8.76 31.28 13.74
C GLU B 21 -7.52 30.47 14.08
N ILE B 22 -6.54 31.12 14.68
CA ILE B 22 -5.30 30.46 15.07
C ILE B 22 -5.58 29.19 15.86
N ASN B 23 -6.45 29.30 16.86
CA ASN B 23 -6.81 28.14 17.66
C ASN B 23 -7.48 27.07 16.82
N GLU B 24 -8.48 27.48 16.04
CA GLU B 24 -9.16 26.57 15.14
C GLU B 24 -8.13 25.79 14.34
N ILE B 25 -7.22 26.51 13.68
CA ILE B 25 -6.21 25.91 12.82
C ILE B 25 -5.32 24.90 13.55
N LYS B 26 -4.88 25.24 14.76
CA LYS B 26 -4.05 24.36 15.55
C LYS B 26 -4.77 23.05 15.88
N ARG B 27 -6.08 23.12 16.04
CA ARG B 27 -6.89 21.91 16.25
C ARG B 27 -7.08 21.17 14.94
N GLU B 28 -7.33 21.91 13.87
CA GLU B 28 -7.47 21.32 12.54
C GLU B 28 -6.24 20.47 12.21
N GLY B 29 -5.06 21.06 12.40
CA GLY B 29 -3.81 20.40 12.09
C GLY B 29 -3.60 19.13 12.90
N LYS B 30 -3.83 19.21 14.20
CA LYS B 30 -3.68 18.06 15.07
C LYS B 30 -4.47 16.87 14.57
N PHE B 31 -5.67 17.13 14.04
CA PHE B 31 -6.52 16.08 13.51
C PHE B 31 -5.91 15.46 12.26
N ARG B 32 -5.50 16.31 11.32
CA ARG B 32 -4.86 15.84 10.11
C ARG B 32 -3.58 15.08 10.45
N GLU B 33 -2.86 15.58 11.46
CA GLU B 33 -1.70 14.90 11.98
C GLU B 33 -2.03 13.45 12.29
N LYS B 34 -3.10 13.24 13.05
CA LYS B 34 -3.53 11.91 13.44
C LYS B 34 -3.74 11.02 12.22
N ARG B 35 -4.51 11.51 11.26
CA ARG B 35 -4.89 10.73 10.08
C ARG B 35 -3.68 10.37 9.24
N ILE B 36 -2.72 11.28 9.17
CA ILE B 36 -1.49 11.06 8.44
C ILE B 36 -0.68 9.92 9.05
N LYS B 37 -0.47 9.99 10.36
CA LYS B 37 0.25 8.93 11.06
C LYS B 37 -0.47 7.60 10.89
N ARG B 38 -1.80 7.65 10.85
CA ARG B 38 -2.61 6.44 10.65
C ARG B 38 -2.27 5.80 9.31
N ASN B 39 -2.20 6.63 8.27
CA ASN B 39 -1.81 6.16 6.94
C ASN B 39 -0.38 5.64 6.94
N GLU B 40 0.49 6.31 7.69
CA GLU B 40 1.89 5.93 7.78
C GLU B 40 2.04 4.55 8.41
N GLN B 41 1.19 4.25 9.39
CA GLN B 41 1.21 2.94 10.01
C GLN B 41 0.63 1.89 9.08
N SER B 42 -0.29 2.32 8.23
CA SER B 42 -0.93 1.42 7.29
C SER B 42 0.02 1.03 6.16
N LEU B 43 0.85 1.97 5.72
CA LEU B 43 1.87 1.70 4.72
C LEU B 43 2.92 0.76 5.28
N GLN B 44 3.42 1.10 6.47
CA GLN B 44 4.38 0.25 7.15
C GLN B 44 3.90 -1.19 7.13
N GLU B 45 2.65 -1.40 7.53
CA GLU B 45 2.10 -2.76 7.61
C GLU B 45 1.93 -3.40 6.24
N ILE B 46 1.37 -2.68 5.28
CA ILE B 46 1.16 -3.24 3.95
C ILE B 46 2.49 -3.63 3.30
N TRP B 47 3.50 -2.80 3.49
CA TRP B 47 4.83 -3.11 2.99
C TRP B 47 5.37 -4.37 3.68
N ASP B 48 5.29 -4.39 5.00
CA ASP B 48 5.72 -5.55 5.77
C ASP B 48 5.04 -6.82 5.27
N TYR B 49 3.74 -6.72 5.05
CA TYR B 49 2.95 -7.86 4.60
C TYR B 49 3.43 -8.36 3.24
N VAL B 50 3.62 -7.43 2.32
CA VAL B 50 4.04 -7.75 0.96
C VAL B 50 5.44 -8.36 0.92
N LYS B 51 6.39 -7.67 1.55
CA LYS B 51 7.79 -8.11 1.52
C LYS B 51 8.03 -9.26 2.49
N ARG B 52 6.97 -9.89 2.97
CA ARG B 52 7.10 -10.98 3.92
C ARG B 52 7.91 -12.16 3.38
N PRO B 53 7.66 -12.54 2.12
CA PRO B 53 8.44 -13.63 1.50
C PRO B 53 9.83 -13.18 1.03
N ASN B 54 10.07 -11.88 1.04
CA ASN B 54 11.34 -11.34 0.54
C ASN B 54 12.50 -11.46 1.52
N LEU B 55 13.70 -11.56 0.97
CA LEU B 55 14.93 -11.68 1.76
C LEU B 55 16.01 -10.79 1.16
N ARG B 56 16.86 -10.24 2.01
CA ARG B 56 17.84 -9.23 1.58
C ARG B 56 19.28 -9.74 1.64
N LEU B 57 19.99 -9.65 0.52
CA LEU B 57 21.36 -10.12 0.43
C LEU B 57 22.35 -8.97 0.32
N ILE B 58 23.20 -8.81 1.32
CA ILE B 58 24.12 -7.68 1.37
C ILE B 58 25.58 -8.12 1.28
N GLY B 59 26.35 -7.43 0.46
CA GLY B 59 27.78 -7.70 0.34
C GLY B 59 28.13 -8.60 -0.83
N VAL B 60 27.26 -8.66 -1.83
CA VAL B 60 27.49 -9.49 -3.00
C VAL B 60 28.06 -8.66 -4.15
N PRO B 61 29.31 -8.96 -4.54
CA PRO B 61 30.03 -8.26 -5.61
C PRO B 61 29.24 -8.17 -6.91
N GLU B 62 29.21 -6.98 -7.49
CA GLU B 62 28.53 -6.76 -8.76
C GLU B 62 29.21 -7.55 -9.88
N SER B 63 28.43 -7.93 -10.89
CA SER B 63 28.96 -8.67 -12.03
C SER B 63 28.60 -7.99 -13.34
N ASP B 64 29.61 -7.74 -14.17
CA ASP B 64 29.42 -7.11 -15.46
C ASP B 64 28.38 -7.86 -16.29
N VAL B 65 27.31 -7.16 -16.64
CA VAL B 65 26.22 -7.75 -17.40
C VAL B 65 25.72 -9.03 -16.73
N GLU B 66 24.91 -8.86 -15.70
CA GLU B 66 24.41 -9.98 -14.91
C GLU B 66 22.90 -10.11 -15.00
N ASN B 67 22.43 -11.09 -15.77
CA ASN B 67 21.00 -11.33 -15.90
C ASN B 67 20.41 -11.92 -14.63
N GLY B 68 19.09 -12.06 -14.61
CA GLY B 68 18.39 -12.61 -13.46
C GLY B 68 18.75 -14.07 -13.20
N THR B 69 19.05 -14.80 -14.27
CA THR B 69 19.40 -16.20 -14.15
C THR B 69 20.72 -16.38 -13.42
N LYS B 70 21.67 -15.49 -13.71
CA LYS B 70 22.97 -15.51 -13.02
C LYS B 70 22.76 -15.19 -11.55
N LEU B 71 21.81 -14.29 -11.27
CA LEU B 71 21.46 -13.96 -9.89
C LEU B 71 21.03 -15.23 -9.16
N GLU B 72 20.19 -16.02 -9.80
CA GLU B 72 19.72 -17.26 -9.19
C GLU B 72 20.89 -18.24 -8.99
N ASN B 73 21.81 -18.28 -9.95
CA ASN B 73 22.99 -19.11 -9.81
C ASN B 73 23.82 -18.69 -8.60
N THR B 74 23.89 -17.38 -8.37
CA THR B 74 24.59 -16.84 -7.22
C THR B 74 23.91 -17.28 -5.93
N LEU B 75 22.59 -17.33 -5.96
CA LEU B 75 21.81 -17.80 -4.82
C LEU B 75 22.15 -19.24 -4.49
N GLN B 76 22.12 -20.09 -5.50
CA GLN B 76 22.43 -21.50 -5.32
C GLN B 76 23.85 -21.71 -4.82
N ASP B 77 24.75 -20.81 -5.23
CA ASP B 77 26.15 -20.88 -4.79
C ASP B 77 26.22 -20.70 -3.28
N ILE B 78 25.45 -19.76 -2.77
CA ILE B 78 25.44 -19.46 -1.34
C ILE B 78 24.81 -20.60 -0.54
N ILE B 79 23.80 -21.24 -1.12
CA ILE B 79 23.13 -22.36 -0.47
C ILE B 79 24.08 -23.54 -0.33
N GLN B 80 24.78 -23.87 -1.40
CA GLN B 80 25.73 -24.99 -1.39
C GLN B 80 26.89 -24.74 -0.43
N GLU B 81 27.40 -23.51 -0.42
CA GLU B 81 28.60 -23.18 0.34
C GLU B 81 28.36 -23.08 1.84
N ASN B 82 27.16 -22.68 2.23
CA ASN B 82 26.88 -22.49 3.65
C ASN B 82 25.89 -23.49 4.23
N PHE B 83 24.96 -23.95 3.40
CA PHE B 83 23.92 -24.86 3.87
C PHE B 83 23.86 -26.10 2.97
N PRO B 84 24.71 -27.10 3.25
CA PRO B 84 24.73 -28.32 2.43
C PRO B 84 23.40 -29.05 2.44
N ASN B 85 22.84 -29.26 3.62
CA ASN B 85 21.57 -29.97 3.77
C ASN B 85 20.44 -29.38 2.93
N LEU B 86 20.43 -28.05 2.82
CA LEU B 86 19.43 -27.36 2.00
C LEU B 86 19.87 -27.29 0.54
N VAL B 92 13.68 -24.99 -3.34
CA VAL B 92 14.06 -23.58 -3.46
C VAL B 92 13.36 -22.92 -4.64
N GLN B 93 12.11 -22.51 -4.42
CA GLN B 93 11.33 -21.87 -5.47
C GLN B 93 11.44 -20.35 -5.38
N ILE B 94 11.63 -19.71 -6.53
CA ILE B 94 11.80 -18.26 -6.59
C ILE B 94 10.79 -17.61 -7.53
N GLN B 95 10.12 -16.57 -7.05
CA GLN B 95 9.23 -15.80 -7.91
C GLN B 95 10.05 -14.74 -8.64
N GLU B 96 11.11 -14.28 -8.00
CA GLU B 96 11.95 -13.22 -8.55
C GLU B 96 13.16 -12.94 -7.67
N ILE B 97 14.24 -12.50 -8.30
CA ILE B 97 15.43 -12.07 -7.57
C ILE B 97 16.11 -10.94 -8.33
N GLN B 98 16.20 -9.78 -7.69
CA GLN B 98 16.65 -8.58 -8.38
C GLN B 98 17.52 -7.69 -7.50
N ARG B 99 18.29 -6.81 -8.13
CA ARG B 99 19.15 -5.87 -7.43
C ARG B 99 18.36 -4.63 -6.97
N THR B 100 19.00 -3.78 -6.18
CA THR B 100 18.34 -2.57 -5.68
C THR B 100 18.76 -1.33 -6.46
N THR B 110 30.37 0.28 -3.25
CA THR B 110 29.47 -0.57 -2.49
C THR B 110 28.44 -1.24 -3.38
N PRO B 111 28.48 -2.58 -3.46
CA PRO B 111 27.53 -3.37 -4.25
C PRO B 111 26.10 -3.23 -3.71
N ARG B 112 25.13 -3.27 -4.61
CA ARG B 112 23.73 -3.11 -4.23
C ARG B 112 23.17 -4.34 -3.53
N HIS B 113 22.19 -4.11 -2.64
CA HIS B 113 21.52 -5.21 -1.97
C HIS B 113 20.75 -6.04 -2.98
N ILE B 114 20.74 -7.36 -2.78
CA ILE B 114 19.99 -8.25 -3.65
C ILE B 114 18.74 -8.75 -2.94
N ILE B 115 17.59 -8.57 -3.58
CA ILE B 115 16.32 -9.00 -3.00
C ILE B 115 15.87 -10.33 -3.61
N VAL B 116 15.78 -11.35 -2.77
CA VAL B 116 15.31 -12.66 -3.20
C VAL B 116 13.91 -12.92 -2.65
N ARG B 117 12.95 -13.08 -3.56
CA ARG B 117 11.57 -13.38 -3.15
C ARG B 117 11.23 -14.85 -3.36
N PHE B 118 10.98 -15.55 -2.26
CA PHE B 118 10.63 -16.96 -2.32
C PHE B 118 9.13 -17.16 -2.53
N THR B 119 8.76 -18.32 -3.06
CA THR B 119 7.36 -18.62 -3.32
C THR B 119 6.58 -18.79 -2.01
N LYS B 120 7.26 -19.30 -0.99
CA LYS B 120 6.65 -19.46 0.34
C LYS B 120 7.42 -18.69 1.41
N VAL B 121 6.68 -18.05 2.30
CA VAL B 121 7.29 -17.33 3.41
C VAL B 121 8.10 -18.28 4.28
N GLU B 122 7.62 -19.52 4.40
CA GLU B 122 8.33 -20.56 5.13
C GLU B 122 9.77 -20.67 4.67
N LYS B 124 11.78 -18.47 3.36
CA LYS B 124 12.61 -17.37 3.86
C LYS B 124 13.04 -17.64 5.30
N GLU B 125 12.10 -18.08 6.13
CA GLU B 125 12.35 -18.30 7.55
C GLU B 125 13.45 -19.31 7.79
N LYS B 126 13.47 -20.38 7.00
CA LYS B 126 14.46 -21.43 7.14
C LYS B 126 15.85 -20.94 6.75
N LEU B 128 16.99 -17.77 7.14
CA LEU B 128 17.48 -16.93 8.23
C LEU B 128 17.94 -17.76 9.42
N ARG B 129 17.13 -18.75 9.81
CA ARG B 129 17.50 -19.63 10.91
C ARG B 129 18.83 -20.30 10.65
N ALA B 130 18.98 -20.85 9.45
CA ALA B 130 20.21 -21.51 9.05
C ALA B 130 21.39 -20.54 9.06
N ALA B 131 21.13 -19.30 8.65
CA ALA B 131 22.15 -18.27 8.61
C ALA B 131 22.54 -17.80 10.02
N ARG B 132 21.58 -17.86 10.93
CA ARG B 132 21.82 -17.46 12.33
C ARG B 132 22.45 -18.59 13.13
N GLU B 133 22.08 -19.83 12.80
CA GLU B 133 22.66 -20.99 13.45
C GLU B 133 24.08 -21.24 12.96
N LYS B 134 24.35 -20.82 11.72
CA LYS B 134 25.69 -20.91 11.18
C LYS B 134 26.53 -19.74 11.70
N GLY B 135 25.86 -18.64 12.00
CA GLY B 135 26.51 -17.46 12.56
C GLY B 135 27.23 -16.62 11.53
N ARG B 136 27.87 -17.27 10.57
CA ARG B 136 28.63 -16.58 9.54
C ARG B 136 28.31 -17.12 8.15
N VAL B 137 27.89 -16.24 7.26
CA VAL B 137 27.57 -16.62 5.89
C VAL B 137 28.60 -16.06 4.92
N THR B 138 29.10 -16.92 4.02
CA THR B 138 30.13 -16.51 3.09
C THR B 138 29.74 -16.72 1.63
N LEU B 139 30.49 -16.11 0.73
CA LEU B 139 30.33 -16.30 -0.70
C LEU B 139 31.69 -16.24 -1.39
N LYS B 140 32.17 -17.39 -1.82
CA LYS B 140 33.49 -17.50 -2.42
C LYS B 140 34.59 -17.13 -1.42
N GLY B 141 34.32 -17.37 -0.15
CA GLY B 141 35.30 -17.12 0.91
C GLY B 141 35.11 -15.78 1.59
N LYS B 142 34.27 -14.92 1.00
CA LYS B 142 34.05 -13.59 1.53
C LYS B 142 32.73 -13.51 2.31
N PRO B 143 32.76 -12.83 3.47
CA PRO B 143 31.59 -12.73 4.36
C PRO B 143 30.51 -11.80 3.83
N ILE B 144 29.27 -12.29 3.80
CA ILE B 144 28.12 -11.48 3.41
C ILE B 144 27.06 -11.54 4.51
N ARG B 145 25.92 -10.91 4.27
CA ARG B 145 24.85 -10.85 5.27
C ARG B 145 23.48 -11.20 4.70
N LEU B 146 22.69 -11.88 5.52
CA LEU B 146 21.32 -12.22 5.16
C LEU B 146 20.36 -11.64 6.19
N THR B 147 19.44 -10.80 5.74
CA THR B 147 18.45 -10.21 6.62
C THR B 147 17.06 -10.25 6.00
N VAL B 148 16.08 -9.75 6.73
CA VAL B 148 14.71 -9.67 6.23
C VAL B 148 14.60 -8.53 5.22
N ASP B 149 13.38 -8.29 4.76
CA ASP B 149 13.12 -7.17 3.85
C ASP B 149 12.02 -6.28 4.41
N LEU B 150 11.99 -6.14 5.74
CA LEU B 150 11.00 -5.31 6.40
C LEU B 150 10.98 -3.89 5.83
N SER B 151 9.87 -3.20 5.98
CA SER B 151 9.73 -1.84 5.46
C SER B 151 10.69 -0.90 6.16
N ALA B 152 11.19 0.09 5.44
CA ALA B 152 12.12 1.05 6.01
C ALA B 152 11.55 1.70 7.25
N GLU B 153 10.25 2.01 7.21
CA GLU B 153 9.58 2.64 8.35
C GLU B 153 9.60 1.74 9.58
N THR B 154 9.57 0.42 9.36
CA THR B 154 9.54 -0.53 10.47
C THR B 154 10.90 -0.66 11.15
N LEU B 155 11.93 -0.91 10.34
CA LEU B 155 13.27 -1.10 10.87
C LEU B 155 13.67 0.08 11.73
N GLN B 156 13.51 1.28 11.18
CA GLN B 156 13.80 2.49 11.92
C GLN B 156 13.02 2.51 13.23
N ALA B 157 11.72 2.23 13.14
CA ALA B 157 10.86 2.21 14.31
C ALA B 157 11.46 1.34 15.41
N ARG B 158 11.77 0.10 15.06
CA ARG B 158 12.36 -0.84 16.01
C ARG B 158 13.64 -0.29 16.64
N ARG B 159 14.49 0.31 15.82
CA ARG B 159 15.75 0.84 16.31
C ARG B 159 15.54 1.97 17.33
N GLU B 160 14.45 2.71 17.17
CA GLU B 160 14.18 3.86 18.03
C GLU B 160 13.78 3.46 19.45
N TRP B 161 13.30 2.23 19.63
CA TRP B 161 12.95 1.73 20.95
C TRP B 161 14.19 1.25 21.69
N GLY B 162 15.31 1.19 20.98
CA GLY B 162 16.54 0.65 21.53
C GLY B 162 16.88 1.11 22.93
N PRO B 163 17.26 2.40 23.07
CA PRO B 163 17.70 2.96 24.35
C PRO B 163 16.72 2.66 25.47
N ILE B 164 15.44 2.96 25.24
CA ILE B 164 14.40 2.70 26.22
C ILE B 164 14.37 1.22 26.60
N PHE B 165 14.51 0.37 25.59
CA PHE B 165 14.55 -1.07 25.81
C PHE B 165 15.70 -1.47 26.73
N ASN B 166 16.83 -0.80 26.57
CA ASN B 166 18.01 -1.09 27.39
C ASN B 166 17.78 -0.73 28.87
N ILE B 167 17.13 0.40 29.10
CA ILE B 167 16.86 0.88 30.45
C ILE B 167 15.82 -0.01 31.14
N LEU B 168 14.81 -0.41 30.40
CA LEU B 168 13.75 -1.26 30.95
C LEU B 168 14.28 -2.64 31.30
N LYS B 169 15.16 -3.16 30.45
CA LYS B 169 15.78 -4.45 30.71
C LYS B 169 16.65 -4.37 31.95
N GLU B 170 17.36 -3.25 32.08
CA GLU B 170 18.22 -3.00 33.23
C GLU B 170 17.46 -3.09 34.55
N LYS B 171 16.33 -2.41 34.63
CA LYS B 171 15.56 -2.35 35.87
C LYS B 171 14.60 -3.52 36.01
N ASN B 172 14.87 -4.59 35.26
CA ASN B 172 14.12 -5.83 35.40
C ASN B 172 12.63 -5.69 35.09
N PHE B 173 12.32 -4.98 34.00
CA PHE B 173 10.94 -4.81 33.57
C PHE B 173 10.55 -5.84 32.52
N GLN B 174 11.54 -6.65 32.11
CA GLN B 174 11.33 -7.68 31.10
C GLN B 174 10.57 -7.15 29.88
N PRO B 175 11.21 -6.25 29.12
CA PRO B 175 10.61 -5.68 27.91
C PRO B 175 10.61 -6.67 26.76
N ARG B 176 9.99 -6.29 25.65
CA ARG B 176 9.89 -7.13 24.47
C ARG B 176 9.38 -6.33 23.28
N ILE B 177 10.04 -6.47 22.14
CA ILE B 177 9.62 -5.77 20.93
C ILE B 177 9.07 -6.75 19.90
N SER B 178 7.77 -6.63 19.62
CA SER B 178 7.10 -7.51 18.67
C SER B 178 6.63 -6.76 17.43
N TYR B 179 5.68 -7.34 16.71
CA TYR B 179 5.16 -6.74 15.48
C TYR B 179 4.01 -5.78 15.74
N PRO B 180 3.98 -4.64 15.03
CA PRO B 180 5.03 -4.24 14.08
C PRO B 180 6.29 -3.78 14.82
N ALA B 181 6.12 -2.84 15.74
CA ALA B 181 7.22 -2.37 16.57
C ALA B 181 6.70 -2.09 17.98
N LYS B 182 5.79 -2.95 18.44
CA LYS B 182 5.18 -2.78 19.76
C LYS B 182 6.17 -3.04 20.88
N LEU B 183 6.06 -2.26 21.95
CA LEU B 183 6.86 -2.47 23.14
C LEU B 183 5.99 -3.03 24.25
N SER B 184 6.49 -4.04 24.96
CA SER B 184 5.72 -4.68 26.02
C SER B 184 6.61 -5.07 27.20
N PHE B 185 6.29 -4.51 28.37
CA PHE B 185 7.00 -4.87 29.59
C PHE B 185 6.02 -5.07 30.75
N ILE B 186 6.56 -5.35 31.93
CA ILE B 186 5.72 -5.66 33.09
C ILE B 186 5.59 -4.50 34.06
N SER B 187 4.38 -3.98 34.21
CA SER B 187 4.08 -2.93 35.16
C SER B 187 2.86 -3.32 35.99
N GLU B 188 3.08 -3.55 37.28
CA GLU B 188 2.02 -3.99 38.19
C GLU B 188 1.49 -5.36 37.78
N GLY B 189 2.40 -6.34 37.71
CA GLY B 189 2.04 -7.70 37.34
C GLY B 189 1.07 -7.77 36.17
N GLU B 190 1.27 -6.88 35.21
CA GLU B 190 0.38 -6.80 34.05
C GLU B 190 1.11 -6.22 32.84
N ILE B 191 1.19 -7.02 31.78
CA ILE B 191 1.90 -6.61 30.57
C ILE B 191 1.19 -5.47 29.86
N LYS B 192 1.97 -4.48 29.42
CA LYS B 192 1.41 -3.32 28.72
C LYS B 192 2.05 -3.18 27.34
N TYR B 193 1.24 -2.81 26.35
CA TYR B 193 1.74 -2.63 24.99
C TYR B 193 1.75 -1.17 24.57
N PHE B 194 2.76 -0.79 23.80
CA PHE B 194 2.91 0.58 23.32
C PHE B 194 3.29 0.59 21.84
N ILE B 195 2.42 1.16 21.02
CA ILE B 195 2.65 1.23 19.58
C ILE B 195 3.75 2.24 19.25
N ASP B 196 3.65 3.43 19.83
CA ASP B 196 4.65 4.48 19.61
C ASP B 196 5.12 5.09 20.92
N LYS B 197 6.12 5.97 20.83
CA LYS B 197 6.70 6.60 22.00
C LYS B 197 5.70 7.51 22.70
N GLN B 198 4.86 8.19 21.91
CA GLN B 198 3.88 9.12 22.46
C GLN B 198 2.90 8.43 23.40
N LEU B 200 3.42 6.02 25.10
CA LEU B 200 4.19 5.73 26.30
C LEU B 200 4.34 6.96 27.19
N ARG B 201 4.44 8.13 26.56
CA ARG B 201 4.59 9.38 27.30
C ARG B 201 3.35 9.67 28.14
N ASP B 202 2.17 9.40 27.58
CA ASP B 202 0.92 9.60 28.28
C ASP B 202 0.76 8.60 29.43
N PHE B 203 1.36 7.42 29.24
CA PHE B 203 1.28 6.37 30.24
C PHE B 203 2.02 6.75 31.51
N VAL B 204 3.28 7.14 31.36
CA VAL B 204 4.13 7.48 32.49
C VAL B 204 3.63 8.71 33.23
N THR B 205 2.76 9.49 32.59
CA THR B 205 2.26 10.73 33.18
C THR B 205 1.56 10.49 34.52
N THR B 206 1.05 9.28 34.72
CA THR B 206 0.38 8.95 35.97
C THR B 206 1.21 8.02 36.85
N ARG B 207 2.49 7.86 36.50
CA ARG B 207 3.39 7.00 37.26
C ARG B 207 4.77 7.64 37.40
N PRO B 208 4.96 8.43 38.47
CA PRO B 208 6.15 9.24 38.73
C PRO B 208 7.47 8.47 38.63
N ALA B 209 7.58 7.36 39.35
CA ALA B 209 8.81 6.57 39.35
C ALA B 209 9.28 6.21 37.95
N LEU B 210 8.37 5.61 37.18
CA LEU B 210 8.67 5.23 35.80
C LEU B 210 9.04 6.46 34.98
N LYS B 211 8.24 7.52 35.10
CA LYS B 211 8.49 8.76 34.37
C LYS B 211 9.90 9.27 34.65
N GLU B 212 10.29 9.25 35.92
CA GLU B 212 11.62 9.69 36.32
C GLU B 212 12.71 8.80 35.70
N LEU B 213 12.35 7.55 35.43
CA LEU B 213 13.29 6.58 34.90
C LEU B 213 13.51 6.77 33.39
N LEU B 214 12.44 7.11 32.69
CA LEU B 214 12.50 7.21 31.23
C LEU B 214 12.35 8.65 30.73
N LYS B 215 12.43 9.61 31.64
CA LYS B 215 12.25 11.01 31.28
C LYS B 215 13.33 11.48 30.30
N GLU B 216 14.53 10.97 30.47
CA GLU B 216 15.66 11.37 29.63
C GLU B 216 15.62 10.67 28.28
N ALA B 217 15.04 9.49 28.23
CA ALA B 217 14.95 8.72 27.00
C ALA B 217 13.75 9.14 26.15
N LEU B 218 12.66 9.51 26.80
CA LEU B 218 11.45 9.93 26.10
C LEU B 218 11.57 11.35 25.54
N ASN B 219 12.71 11.98 25.78
CA ASN B 219 12.96 13.33 25.29
C ASN B 219 11.94 14.33 25.83
N CYS C 8 2.58 53.37 16.95
CA CYS C 8 1.86 52.10 16.98
C CYS C 8 0.57 52.16 16.17
N ASP C 9 0.45 53.17 15.31
CA ASP C 9 -0.73 53.32 14.46
C ASP C 9 -0.61 52.47 13.21
N GLN C 10 0.60 52.01 12.92
CA GLN C 10 0.84 51.17 11.75
C GLN C 10 0.51 49.71 12.04
N LEU C 11 -0.12 49.48 13.19
CA LEU C 11 -0.52 48.13 13.58
C LEU C 11 -1.60 47.60 12.65
N GLU C 12 -2.37 48.51 12.08
CA GLU C 12 -3.43 48.16 11.14
C GLU C 12 -2.85 47.54 9.89
N GLU C 13 -1.57 47.78 9.67
CA GLU C 13 -0.86 47.24 8.51
C GLU C 13 -0.59 45.75 8.72
N ARG C 14 0.02 45.43 9.86
CA ARG C 14 0.43 44.07 10.16
C ARG C 14 -0.75 43.11 10.29
N VAL C 15 -1.83 43.59 10.90
CA VAL C 15 -3.02 42.78 11.12
C VAL C 15 -3.66 42.36 9.80
N SER C 16 -3.75 43.31 8.86
CA SER C 16 -4.36 43.04 7.56
C SER C 16 -3.68 41.87 6.86
N ALA C 17 -2.36 41.83 6.95
CA ALA C 17 -1.58 40.76 6.33
C ALA C 17 -1.82 39.43 7.04
N ALA C 18 -1.85 39.46 8.37
CA ALA C 18 -2.07 38.26 9.17
C ALA C 18 -3.38 37.60 8.78
N GLU C 19 -4.37 38.41 8.46
CA GLU C 19 -5.67 37.90 8.04
C GLU C 19 -5.54 37.20 6.69
N ASP C 20 -4.64 37.71 5.86
CA ASP C 20 -4.38 37.10 4.56
C ASP C 20 -3.62 35.79 4.72
N GLU C 21 -2.61 35.80 5.59
CA GLU C 21 -1.84 34.60 5.89
C GLU C 21 -2.75 33.47 6.35
N ILE C 22 -3.68 33.80 7.24
CA ILE C 22 -4.63 32.83 7.75
C ILE C 22 -5.46 32.21 6.64
N ASN C 23 -5.82 33.03 5.65
CA ASN C 23 -6.60 32.57 4.51
C ASN C 23 -5.86 31.52 3.69
N GLU C 24 -4.55 31.73 3.51
CA GLU C 24 -3.72 30.75 2.84
C GLU C 24 -3.70 29.46 3.65
N ILE C 25 -3.29 29.57 4.91
CA ILE C 25 -3.20 28.43 5.79
C ILE C 25 -4.46 27.57 5.70
N LYS C 26 -5.61 28.23 5.59
CA LYS C 26 -6.88 27.53 5.46
C LYS C 26 -6.99 26.77 4.14
N ARG C 27 -6.67 27.45 3.05
CA ARG C 27 -6.66 26.81 1.73
C ARG C 27 -5.74 25.60 1.76
N GLU C 28 -4.45 25.87 1.99
CA GLU C 28 -3.45 24.81 2.07
C GLU C 28 -3.92 23.70 3.01
N GLY C 29 -4.61 24.09 4.07
CA GLY C 29 -5.13 23.14 5.03
C GLY C 29 -6.15 22.20 4.42
N LYS C 30 -7.14 22.77 3.74
CA LYS C 30 -8.19 21.99 3.10
C LYS C 30 -7.64 21.16 1.96
N PHE C 31 -6.72 21.74 1.19
CA PHE C 31 -6.12 21.07 0.05
C PHE C 31 -5.31 19.84 0.50
N ARG C 32 -4.49 20.02 1.52
CA ARG C 32 -3.74 18.89 2.07
C ARG C 32 -4.70 17.84 2.62
N GLU C 33 -5.82 18.30 3.17
CA GLU C 33 -6.82 17.39 3.71
C GLU C 33 -7.38 16.49 2.62
N LYS C 34 -7.67 17.07 1.47
CA LYS C 34 -8.17 16.30 0.34
C LYS C 34 -7.18 15.22 -0.09
N ARG C 35 -5.90 15.58 -0.08
CA ARG C 35 -4.85 14.63 -0.41
C ARG C 35 -4.80 13.50 0.60
N ILE C 36 -4.95 13.84 1.88
CA ILE C 36 -4.96 12.86 2.95
C ILE C 36 -6.04 11.81 2.75
N LYS C 37 -7.23 12.27 2.35
CA LYS C 37 -8.34 11.36 2.14
C LYS C 37 -8.10 10.49 0.91
N ARG C 38 -7.56 11.09 -0.14
CA ARG C 38 -7.20 10.33 -1.33
C ARG C 38 -6.22 9.22 -0.98
N ASN C 39 -5.35 9.49 0.00
CA ASN C 39 -4.39 8.50 0.47
C ASN C 39 -5.07 7.40 1.27
N GLU C 40 -5.94 7.79 2.19
CA GLU C 40 -6.68 6.84 3.00
C GLU C 40 -7.50 5.92 2.11
N GLN C 41 -8.12 6.51 1.10
CA GLN C 41 -8.95 5.76 0.16
C GLN C 41 -8.09 4.82 -0.69
N SER C 42 -6.89 5.28 -1.03
CA SER C 42 -5.97 4.49 -1.83
C SER C 42 -5.49 3.26 -1.08
N LEU C 43 -5.14 3.45 0.20
CA LEU C 43 -4.73 2.35 1.05
C LEU C 43 -5.86 1.33 1.19
N GLN C 44 -7.09 1.82 1.31
CA GLN C 44 -8.25 0.95 1.40
C GLN C 44 -8.32 0.07 0.16
N GLU C 45 -8.08 0.69 -0.98
CA GLU C 45 -8.19 0.00 -2.26
C GLU C 45 -7.13 -1.08 -2.43
N ILE C 46 -5.88 -0.75 -2.14
CA ILE C 46 -4.78 -1.68 -2.35
C ILE C 46 -4.80 -2.82 -1.34
N TRP C 47 -5.13 -2.51 -0.08
CA TRP C 47 -5.25 -3.53 0.95
C TRP C 47 -6.28 -4.58 0.55
N ASP C 48 -7.42 -4.12 0.03
CA ASP C 48 -8.46 -5.03 -0.42
C ASP C 48 -7.98 -5.89 -1.58
N TYR C 49 -7.34 -5.25 -2.55
CA TYR C 49 -6.87 -5.96 -3.75
C TYR C 49 -5.91 -7.08 -3.40
N VAL C 50 -4.91 -6.75 -2.57
CA VAL C 50 -3.90 -7.72 -2.16
C VAL C 50 -4.51 -8.94 -1.49
N LYS C 51 -5.64 -8.74 -0.81
CA LYS C 51 -6.26 -9.80 -0.03
C LYS C 51 -7.29 -10.62 -0.80
N ARG C 52 -7.44 -10.33 -2.09
CA ARG C 52 -8.44 -11.02 -2.90
C ARG C 52 -8.38 -12.54 -2.78
N PRO C 53 -7.17 -13.12 -2.86
CA PRO C 53 -7.08 -14.58 -2.82
C PRO C 53 -7.05 -15.12 -1.40
N ASN C 54 -7.43 -14.31 -0.42
CA ASN C 54 -7.36 -14.71 0.98
C ASN C 54 -8.68 -15.11 1.61
N LEU C 55 -8.59 -15.94 2.64
CA LEU C 55 -9.73 -16.29 3.49
C LEU C 55 -9.27 -16.43 4.93
N ARG C 56 -10.08 -15.96 5.86
CA ARG C 56 -9.71 -16.04 7.27
C ARG C 56 -10.34 -17.24 7.98
N LEU C 57 -9.50 -18.03 8.64
CA LEU C 57 -9.96 -19.15 9.44
C LEU C 57 -10.05 -18.75 10.91
N ILE C 58 -11.27 -18.62 11.42
CA ILE C 58 -11.48 -18.11 12.76
C ILE C 58 -12.03 -19.16 13.71
N GLY C 59 -11.34 -19.36 14.84
CA GLY C 59 -11.78 -20.26 15.86
C GLY C 59 -11.04 -21.59 15.86
N VAL C 60 -9.92 -21.64 15.14
CA VAL C 60 -9.13 -22.85 15.06
C VAL C 60 -8.16 -22.94 16.24
N PRO C 61 -8.34 -23.99 17.08
CA PRO C 61 -7.48 -24.23 18.24
C PRO C 61 -6.01 -24.27 17.85
N GLU C 62 -5.22 -23.38 18.45
CA GLU C 62 -3.80 -23.30 18.15
C GLU C 62 -2.99 -24.30 18.97
N SER C 63 -1.79 -24.64 18.49
CA SER C 63 -0.93 -25.58 19.18
C SER C 63 0.34 -24.90 19.66
N ASP C 64 1.16 -25.63 20.42
CA ASP C 64 2.41 -25.11 20.93
C ASP C 64 3.36 -24.73 19.81
N VAL C 65 3.51 -25.63 18.84
CA VAL C 65 4.36 -25.37 17.68
C VAL C 65 3.69 -25.86 16.41
N GLU C 66 3.51 -24.94 15.46
CA GLU C 66 2.84 -25.26 14.20
C GLU C 66 3.72 -24.92 13.00
N ASN C 67 3.20 -25.22 11.82
CA ASN C 67 3.87 -24.89 10.57
C ASN C 67 2.94 -25.06 9.38
N GLY C 68 3.41 -24.64 8.21
CA GLY C 68 2.60 -24.67 7.00
C GLY C 68 1.96 -26.02 6.71
N THR C 69 2.70 -27.09 6.98
CA THR C 69 2.23 -28.44 6.67
C THR C 69 1.13 -28.90 7.64
N LYS C 70 1.38 -28.71 8.94
CA LYS C 70 0.40 -29.11 9.94
C LYS C 70 -0.88 -28.30 9.81
N LEU C 71 -0.75 -27.07 9.35
CA LEU C 71 -1.90 -26.20 9.11
C LEU C 71 -2.62 -26.63 7.84
N GLU C 72 -1.86 -27.02 6.84
CA GLU C 72 -2.43 -27.43 5.55
C GLU C 72 -3.26 -28.69 5.71
N ASN C 73 -2.86 -29.55 6.64
CA ASN C 73 -3.63 -30.73 6.96
C ASN C 73 -4.95 -30.36 7.62
N THR C 74 -4.88 -29.44 8.58
CA THR C 74 -6.06 -28.97 9.28
C THR C 74 -7.05 -28.36 8.29
N LEU C 75 -6.51 -27.66 7.29
CA LEU C 75 -7.33 -27.08 6.24
C LEU C 75 -8.07 -28.16 5.45
N GLN C 76 -7.42 -29.30 5.27
CA GLN C 76 -8.01 -30.41 4.53
C GLN C 76 -9.12 -31.09 5.33
N ASP C 77 -8.92 -31.23 6.63
CA ASP C 77 -9.92 -31.82 7.51
C ASP C 77 -11.21 -31.03 7.45
N ILE C 78 -11.08 -29.70 7.39
CA ILE C 78 -12.24 -28.81 7.30
C ILE C 78 -13.02 -29.08 6.01
N ILE C 79 -12.30 -29.28 4.92
CA ILE C 79 -12.91 -29.57 3.63
C ILE C 79 -13.52 -30.96 3.64
N GLN C 80 -12.77 -31.92 4.16
CA GLN C 80 -13.23 -33.29 4.25
C GLN C 80 -14.49 -33.39 5.11
N GLU C 81 -14.57 -32.53 6.13
CA GLU C 81 -15.67 -32.56 7.09
C GLU C 81 -16.87 -31.73 6.64
N ASN C 82 -16.64 -30.68 5.86
CA ASN C 82 -17.70 -29.76 5.51
C ASN C 82 -18.10 -29.72 4.03
N PHE C 83 -17.11 -29.72 3.14
CA PHE C 83 -17.39 -29.65 1.71
C PHE C 83 -16.66 -30.74 0.95
N PRO C 84 -17.21 -31.96 0.97
CA PRO C 84 -16.60 -33.12 0.32
C PRO C 84 -16.63 -33.01 -1.20
N ASN C 85 -17.76 -32.59 -1.75
CA ASN C 85 -17.93 -32.50 -3.20
C ASN C 85 -17.15 -31.33 -3.77
N LEU C 86 -16.52 -30.58 -2.87
CA LEU C 86 -15.72 -29.44 -3.27
C LEU C 86 -14.29 -29.88 -3.60
N ALA C 87 -13.78 -30.85 -2.86
CA ALA C 87 -12.43 -31.35 -3.09
C ALA C 87 -12.41 -32.53 -4.06
N ARG C 88 -13.57 -33.13 -4.29
CA ARG C 88 -13.67 -34.27 -5.18
C ARG C 88 -13.24 -33.90 -6.60
N VAL C 92 -7.59 -28.65 -4.45
CA VAL C 92 -7.58 -27.33 -3.84
C VAL C 92 -6.15 -26.78 -3.77
N GLN C 93 -5.84 -25.84 -4.66
CA GLN C 93 -4.51 -25.26 -4.73
C GLN C 93 -4.29 -24.18 -3.68
N ILE C 94 -3.34 -24.44 -2.77
CA ILE C 94 -3.04 -23.49 -1.70
C ILE C 94 -1.62 -22.95 -1.85
N GLN C 95 -1.51 -21.63 -2.02
CA GLN C 95 -0.20 -21.00 -2.13
C GLN C 95 0.56 -21.06 -0.81
N GLU C 96 -0.10 -20.62 0.26
CA GLU C 96 0.48 -20.74 1.60
C GLU C 96 -0.56 -20.41 2.68
N ILE C 97 -0.31 -20.90 3.89
CA ILE C 97 -1.21 -20.70 5.01
C ILE C 97 -0.43 -20.50 6.30
N GLN C 98 -0.90 -19.60 7.16
CA GLN C 98 -0.18 -19.26 8.38
C GLN C 98 -0.98 -18.35 9.30
N ARG C 99 -0.57 -18.29 10.56
CA ARG C 99 -1.18 -17.39 11.54
C ARG C 99 -0.81 -15.96 11.22
N THR C 100 -1.51 -15.01 11.81
CA THR C 100 -1.25 -13.59 11.58
C THR C 100 0.05 -13.14 12.26
N PRO C 111 -6.80 -17.79 20.35
CA PRO C 111 -6.49 -18.38 19.05
C PRO C 111 -6.45 -17.33 17.95
N ARG C 112 -5.30 -17.16 17.32
CA ARG C 112 -5.13 -16.18 16.25
C ARG C 112 -5.83 -16.65 14.98
N HIS C 113 -6.08 -15.72 14.07
CA HIS C 113 -6.69 -16.05 12.79
C HIS C 113 -5.68 -16.77 11.90
N ILE C 114 -6.20 -17.48 10.91
CA ILE C 114 -5.34 -18.17 9.96
C ILE C 114 -5.61 -17.69 8.54
N ILE C 115 -4.65 -16.98 7.97
CA ILE C 115 -4.79 -16.44 6.62
C ILE C 115 -4.48 -17.50 5.58
N VAL C 116 -5.48 -17.83 4.76
CA VAL C 116 -5.33 -18.86 3.74
C VAL C 116 -5.25 -18.25 2.34
N ARG C 117 -4.07 -18.30 1.74
CA ARG C 117 -3.86 -17.74 0.41
C ARG C 117 -3.94 -18.81 -0.68
N PHE C 118 -4.95 -18.67 -1.53
CA PHE C 118 -5.16 -19.62 -2.62
C PHE C 118 -4.35 -19.24 -3.84
N THR C 119 -4.11 -20.22 -4.71
CA THR C 119 -3.39 -19.97 -5.95
C THR C 119 -4.28 -19.17 -6.90
N LYS C 120 -5.54 -19.57 -7.00
CA LYS C 120 -6.48 -18.90 -7.89
C LYS C 120 -7.63 -18.29 -7.08
N VAL C 121 -7.92 -17.03 -7.35
CA VAL C 121 -9.02 -16.33 -6.70
C VAL C 121 -10.32 -17.09 -6.88
N GLU C 122 -10.57 -17.55 -8.10
CA GLU C 122 -11.76 -18.33 -8.41
C GLU C 122 -11.97 -19.45 -7.39
N LYS C 124 -10.83 -19.47 -4.13
CA LYS C 124 -11.28 -18.81 -2.91
C LYS C 124 -12.76 -18.49 -2.98
N GLU C 125 -13.19 -17.92 -4.10
CA GLU C 125 -14.59 -17.57 -4.30
C GLU C 125 -15.49 -18.79 -4.15
N LYS C 126 -15.05 -19.91 -4.71
CA LYS C 126 -15.84 -21.14 -4.66
C LYS C 126 -16.06 -21.62 -3.23
N LEU C 128 -15.70 -20.07 -0.43
CA LEU C 128 -16.43 -19.10 0.36
C LEU C 128 -17.93 -19.32 0.20
N ARG C 129 -18.36 -19.52 -1.04
CA ARG C 129 -19.76 -19.83 -1.31
C ARG C 129 -20.17 -21.15 -0.67
N ALA C 130 -19.20 -22.05 -0.52
CA ALA C 130 -19.45 -23.34 0.12
C ALA C 130 -19.66 -23.16 1.61
N ALA C 131 -18.86 -22.29 2.22
CA ALA C 131 -18.95 -22.01 3.65
C ALA C 131 -20.19 -21.21 3.97
N ARG C 132 -20.62 -20.37 3.03
CA ARG C 132 -21.78 -19.52 3.22
C ARG C 132 -23.08 -20.26 3.01
N GLU C 133 -23.07 -21.24 2.09
CA GLU C 133 -24.26 -22.03 1.81
C GLU C 133 -24.44 -23.14 2.83
N LYS C 134 -23.34 -23.66 3.36
CA LYS C 134 -23.42 -24.64 4.44
C LYS C 134 -23.88 -23.93 5.71
N GLY C 135 -23.61 -22.64 5.78
CA GLY C 135 -24.01 -21.84 6.92
C GLY C 135 -23.13 -22.05 8.14
N ARG C 136 -23.17 -23.25 8.68
CA ARG C 136 -22.43 -23.58 9.90
C ARG C 136 -21.21 -24.45 9.59
N VAL C 137 -20.02 -23.91 9.85
CA VAL C 137 -18.78 -24.62 9.56
C VAL C 137 -18.14 -25.12 10.86
N THR C 138 -17.71 -26.38 10.86
CA THR C 138 -17.14 -26.98 12.07
C THR C 138 -15.83 -27.73 11.82
N LEU C 139 -15.00 -27.78 12.85
CA LEU C 139 -13.75 -28.55 12.83
C LEU C 139 -13.72 -29.53 14.01
N LYS C 140 -13.84 -30.82 13.72
CA LYS C 140 -13.96 -31.82 14.76
C LYS C 140 -15.16 -31.52 15.65
N GLY C 141 -16.16 -30.87 15.08
CA GLY C 141 -17.36 -30.52 15.82
C GLY C 141 -17.35 -29.10 16.35
N LYS C 142 -16.16 -28.58 16.64
CA LYS C 142 -16.01 -27.23 17.14
C LYS C 142 -16.37 -26.21 16.06
N PRO C 143 -17.32 -25.31 16.37
CA PRO C 143 -17.72 -24.25 15.44
C PRO C 143 -16.54 -23.36 15.06
N ILE C 144 -16.35 -23.14 13.76
CA ILE C 144 -15.34 -22.20 13.27
C ILE C 144 -15.96 -21.35 12.17
N ARG C 145 -15.17 -20.47 11.56
CA ARG C 145 -15.69 -19.63 10.49
C ARG C 145 -14.69 -19.28 9.39
N LEU C 146 -15.16 -19.32 8.15
CA LEU C 146 -14.39 -18.88 7.01
C LEU C 146 -14.95 -17.56 6.51
N THR C 147 -14.14 -16.50 6.52
CA THR C 147 -14.61 -15.19 6.13
C THR C 147 -13.68 -14.48 5.17
N VAL C 148 -14.25 -13.58 4.38
CA VAL C 148 -13.48 -12.80 3.42
C VAL C 148 -12.41 -11.98 4.13
N ASP C 149 -11.29 -11.73 3.43
CA ASP C 149 -10.20 -10.96 3.99
C ASP C 149 -10.25 -9.53 3.46
N LEU C 150 -10.68 -8.60 4.31
CA LEU C 150 -10.84 -7.22 3.90
C LEU C 150 -9.95 -6.27 4.69
N SER C 151 -9.66 -5.11 4.10
CA SER C 151 -8.84 -4.10 4.75
C SER C 151 -9.54 -3.56 6.00
N ALA C 152 -8.77 -2.97 6.89
CA ALA C 152 -9.33 -2.34 8.08
C ALA C 152 -10.11 -1.10 7.71
N GLU C 153 -9.70 -0.44 6.62
CA GLU C 153 -10.40 0.74 6.14
C GLU C 153 -11.82 0.39 5.71
N THR C 154 -11.92 -0.61 4.84
CA THR C 154 -13.22 -1.03 4.33
C THR C 154 -14.12 -1.49 5.47
N LEU C 155 -13.58 -2.27 6.40
CA LEU C 155 -14.37 -2.76 7.52
C LEU C 155 -15.02 -1.61 8.26
N GLN C 156 -14.19 -0.69 8.76
CA GLN C 156 -14.67 0.45 9.53
C GLN C 156 -15.52 1.38 8.68
N ALA C 157 -15.26 1.38 7.37
CA ALA C 157 -16.07 2.13 6.44
C ALA C 157 -17.50 1.60 6.46
N ARG C 158 -17.62 0.29 6.52
CA ARG C 158 -18.93 -0.34 6.66
C ARG C 158 -19.50 -0.06 8.04
N ARG C 159 -18.64 -0.08 9.05
CA ARG C 159 -19.05 0.17 10.41
C ARG C 159 -19.57 1.59 10.59
N GLU C 160 -19.06 2.52 9.79
CA GLU C 160 -19.54 3.89 9.83
C GLU C 160 -20.94 3.98 9.25
N TRP C 161 -21.23 3.13 8.27
CA TRP C 161 -22.59 3.00 7.75
C TRP C 161 -23.38 2.06 8.64
N GLY C 162 -23.38 2.33 9.93
CA GLY C 162 -24.07 1.49 10.89
C GLY C 162 -25.38 2.09 11.35
N PRO C 163 -25.31 3.12 12.22
CA PRO C 163 -26.50 3.79 12.75
C PRO C 163 -27.40 4.31 11.64
N ILE C 164 -26.80 4.95 10.64
CA ILE C 164 -27.53 5.46 9.50
C ILE C 164 -28.22 4.32 8.76
N PHE C 165 -27.57 3.16 8.75
CA PHE C 165 -28.11 1.97 8.12
C PHE C 165 -29.35 1.46 8.86
N ASN C 166 -29.30 1.49 10.19
CA ASN C 166 -30.39 1.02 11.02
C ASN C 166 -31.62 1.91 10.96
N ILE C 167 -31.41 3.21 10.82
CA ILE C 167 -32.51 4.17 10.73
C ILE C 167 -33.32 3.96 9.47
N LEU C 168 -32.64 3.85 8.34
CA LEU C 168 -33.30 3.62 7.06
C LEU C 168 -33.99 2.26 7.05
N LYS C 169 -33.29 1.24 7.53
CA LYS C 169 -33.82 -0.12 7.55
C LYS C 169 -35.11 -0.18 8.36
N GLU C 170 -35.06 0.37 9.56
CA GLU C 170 -36.19 0.33 10.48
C GLU C 170 -37.39 1.07 9.90
N LYS C 171 -37.15 2.19 9.22
CA LYS C 171 -38.21 2.96 8.58
C LYS C 171 -38.58 2.39 7.22
N ASN C 172 -38.06 1.21 6.90
CA ASN C 172 -38.38 0.53 5.65
C ASN C 172 -37.92 1.30 4.42
N PHE C 173 -36.61 1.43 4.27
CA PHE C 173 -36.03 2.14 3.14
C PHE C 173 -35.20 1.21 2.26
N GLN C 174 -35.16 -0.06 2.64
CA GLN C 174 -34.42 -1.07 1.90
C GLN C 174 -32.96 -0.68 1.69
N PRO C 175 -32.22 -0.46 2.79
CA PRO C 175 -30.81 -0.10 2.68
C PRO C 175 -29.95 -1.35 2.48
N ARG C 176 -28.91 -1.23 1.67
CA ARG C 176 -28.01 -2.35 1.41
C ARG C 176 -26.56 -1.88 1.39
N ILE C 177 -25.63 -2.82 1.53
CA ILE C 177 -24.21 -2.52 1.51
C ILE C 177 -23.50 -3.12 0.30
N SER C 178 -23.22 -2.29 -0.69
CA SER C 178 -22.52 -2.73 -1.89
C SER C 178 -21.01 -2.53 -1.73
N TYR C 179 -20.24 -3.61 -1.92
CA TYR C 179 -18.79 -3.53 -1.86
C TYR C 179 -18.23 -2.37 -2.67
N PRO C 180 -17.19 -1.69 -2.14
CA PRO C 180 -16.57 -1.95 -0.83
C PRO C 180 -17.46 -1.55 0.34
N ALA C 181 -17.82 -0.27 0.43
CA ALA C 181 -18.67 0.22 1.50
C ALA C 181 -19.78 1.14 0.99
N LYS C 182 -20.15 0.97 -0.27
CA LYS C 182 -21.20 1.78 -0.87
C LYS C 182 -22.55 1.51 -0.20
N LEU C 183 -23.18 2.58 0.29
CA LEU C 183 -24.51 2.48 0.89
C LEU C 183 -25.56 2.84 -0.15
N SER C 184 -26.59 2.00 -0.27
CA SER C 184 -27.63 2.22 -1.26
C SER C 184 -29.02 1.91 -0.71
N PHE C 185 -29.97 2.81 -0.97
CA PHE C 185 -31.35 2.60 -0.56
C PHE C 185 -32.30 3.19 -1.60
N ILE C 186 -33.59 2.94 -1.44
CA ILE C 186 -34.57 3.40 -2.41
C ILE C 186 -35.44 4.54 -1.87
N SER C 187 -35.38 5.67 -2.56
CA SER C 187 -36.19 6.83 -2.21
C SER C 187 -36.74 7.49 -3.47
N GLU C 188 -37.95 8.04 -3.36
CA GLU C 188 -38.61 8.68 -4.49
C GLU C 188 -38.86 7.68 -5.60
N GLY C 189 -38.84 6.40 -5.26
CA GLY C 189 -39.05 5.33 -6.21
C GLY C 189 -37.81 5.02 -7.04
N GLU C 190 -36.65 5.48 -6.58
CA GLU C 190 -35.41 5.28 -7.30
C GLU C 190 -34.31 4.72 -6.39
N ILE C 191 -33.23 4.24 -6.99
CA ILE C 191 -32.12 3.65 -6.23
C ILE C 191 -30.87 4.53 -6.26
N LYS C 192 -30.48 5.03 -5.08
CA LYS C 192 -29.31 5.89 -4.95
C LYS C 192 -28.12 5.16 -4.32
N TYR C 193 -26.93 5.56 -4.71
CA TYR C 193 -25.70 5.03 -4.11
C TYR C 193 -24.94 6.14 -3.40
N PHE C 194 -24.23 5.79 -2.34
CA PHE C 194 -23.48 6.77 -1.56
C PHE C 194 -22.16 6.21 -1.08
N ILE C 195 -21.07 6.91 -1.40
CA ILE C 195 -19.74 6.47 -1.01
C ILE C 195 -19.38 6.97 0.39
N ASP C 196 -19.57 8.27 0.61
CA ASP C 196 -19.26 8.87 1.90
C ASP C 196 -20.47 9.59 2.47
N LYS C 197 -20.45 9.85 3.77
CA LYS C 197 -21.55 10.53 4.44
C LYS C 197 -21.78 11.92 3.84
N GLN C 198 -20.72 12.51 3.32
CA GLN C 198 -20.81 13.84 2.72
C GLN C 198 -21.83 13.85 1.59
N LEU C 200 -24.22 11.85 1.09
CA LEU C 200 -25.54 11.64 1.68
C LEU C 200 -26.11 12.94 2.23
N ARG C 201 -25.24 13.77 2.81
CA ARG C 201 -25.64 15.07 3.30
C ARG C 201 -26.16 15.93 2.16
N ASP C 202 -25.40 15.98 1.06
CA ASP C 202 -25.78 16.75 -0.11
C ASP C 202 -27.17 16.34 -0.60
N PHE C 203 -27.53 15.09 -0.34
CA PHE C 203 -28.79 14.54 -0.82
C PHE C 203 -29.97 14.94 0.06
N VAL C 204 -29.84 14.71 1.36
CA VAL C 204 -30.92 14.98 2.30
C VAL C 204 -31.14 16.47 2.53
N THR C 205 -30.20 17.30 2.07
CA THR C 205 -30.35 18.75 2.22
C THR C 205 -31.56 19.27 1.46
N THR C 206 -32.16 18.40 0.64
CA THR C 206 -33.32 18.79 -0.16
C THR C 206 -34.52 17.86 0.06
N ARG C 207 -34.35 16.90 0.96
CA ARG C 207 -35.46 16.01 1.33
C ARG C 207 -35.83 16.21 2.79
N PRO C 208 -36.73 17.16 3.07
CA PRO C 208 -37.14 17.51 4.43
C PRO C 208 -37.48 16.28 5.27
N ALA C 209 -38.34 15.40 4.76
CA ALA C 209 -38.71 14.20 5.49
C ALA C 209 -37.49 13.35 5.83
N LEU C 210 -36.67 13.08 4.83
CA LEU C 210 -35.46 12.28 5.01
C LEU C 210 -34.45 12.99 5.90
N LYS C 211 -34.26 14.27 5.65
CA LYS C 211 -33.33 15.12 6.39
C LYS C 211 -33.59 15.03 7.89
N GLU C 212 -34.83 15.30 8.28
CA GLU C 212 -35.24 15.29 9.68
C GLU C 212 -34.97 13.93 10.30
N LEU C 213 -34.98 12.89 9.47
CA LEU C 213 -34.80 11.53 9.95
C LEU C 213 -33.32 11.16 10.08
N LEU C 214 -32.47 11.78 9.26
CA LEU C 214 -31.05 11.43 9.23
C LEU C 214 -30.15 12.57 9.69
N LYS C 215 -30.72 13.51 10.43
CA LYS C 215 -29.97 14.67 10.87
C LYS C 215 -29.09 14.34 12.08
N GLU C 216 -29.64 13.57 13.00
CA GLU C 216 -28.93 13.17 14.20
C GLU C 216 -27.77 12.24 13.86
N ALA C 217 -27.97 11.39 12.85
CA ALA C 217 -26.97 10.40 12.46
C ALA C 217 -25.80 11.02 11.70
N LEU C 218 -26.09 11.99 10.84
CA LEU C 218 -25.07 12.65 10.04
C LEU C 218 -24.38 13.77 10.82
N ASN C 219 -24.68 13.85 12.12
CA ASN C 219 -24.15 14.89 12.98
C ASN C 219 -24.50 16.30 12.51
#